data_3QUA
#
_entry.id   3QUA
#
_cell.length_a   123.690
_cell.length_b   123.690
_cell.length_c   64.590
_cell.angle_alpha   90.000
_cell.angle_beta   90.000
_cell.angle_gamma   90.000
#
_symmetry.space_group_name_H-M   'P 42 21 2'
#
loop_
_entity.id
_entity.type
_entity.pdbx_description
1 polymer 'Putative uncharacterized protein'
2 non-polymer 'UNKNOWN LIGAND'
3 water water
#
_entity_poly.entity_id   1
_entity_poly.type   'polypeptide(L)'
_entity_poly.pdbx_seq_one_letter_code
;GPGSMVVARVYVGDVKEGQDRQWAVCVYCASGPTHPELLELAAEVGSSIAARGWTLVSGGGNVSAMGAVAQAARAKGGHT
VGVIPKALVHRELADVDAAELIVTDTMRERKREMEHRSDAFIALPGGIGTLEEFFEAWTAGYLGMHDKPLILLDPFGHYD
GLLTWLRGLVPTGYVSQRAMDSLVVVDNVEAALEACAPE
;
_entity_poly.pdbx_strand_id   A,B
#
# COMPACT_ATOMS: atom_id res chain seq x y z
N ARG A 21 -16.57 23.68 8.32
CA ARG A 21 -15.64 22.62 7.79
C ARG A 21 -16.19 22.17 6.40
N GLN A 22 -15.55 22.62 5.32
CA GLN A 22 -15.93 22.16 3.97
C GLN A 22 -15.69 20.65 3.84
N TRP A 23 -16.56 19.98 3.10
CA TRP A 23 -16.28 18.66 2.57
C TRP A 23 -14.86 18.68 1.95
N ALA A 24 -14.09 17.64 2.21
CA ALA A 24 -12.73 17.57 1.67
C ALA A 24 -12.53 16.29 0.88
N VAL A 25 -11.83 16.41 -0.25
CA VAL A 25 -11.52 15.25 -1.06
C VAL A 25 -10.02 15.13 -1.20
N CYS A 26 -9.52 13.93 -0.91
CA CYS A 26 -8.12 13.67 -0.96
C CYS A 26 -7.74 13.09 -2.33
N VAL A 27 -6.72 13.67 -2.97
CA VAL A 27 -6.31 13.13 -4.26
C VAL A 27 -4.89 12.54 -4.16
N TYR A 28 -4.79 11.23 -4.43
CA TYR A 28 -3.49 10.53 -4.49
C TYR A 28 -3.09 10.53 -5.97
N CYS A 29 -1.88 10.95 -6.33
CA CYS A 29 -1.51 11.02 -7.77
C CYS A 29 -0.01 11.07 -7.97
N ALA A 30 0.43 10.96 -9.22
CA ALA A 30 1.84 10.79 -9.53
C ALA A 30 2.70 11.96 -8.99
N SER A 31 3.94 11.64 -8.65
CA SER A 31 4.96 12.64 -8.27
C SER A 31 6.05 12.78 -9.36
N GLY A 32 5.97 11.96 -10.42
CA GLY A 32 7.01 11.92 -11.45
C GLY A 32 6.73 12.52 -12.83
N PRO A 33 5.85 11.88 -13.61
CA PRO A 33 5.78 12.29 -15.01
C PRO A 33 5.16 13.68 -15.25
N THR A 34 5.52 14.30 -16.35
CA THR A 34 4.93 15.58 -16.76
C THR A 34 4.00 15.43 -18.00
N HIS A 35 3.57 14.21 -18.32
CA HIS A 35 2.75 13.98 -19.51
C HIS A 35 1.52 14.88 -19.54
N PRO A 36 1.27 15.56 -20.67
CA PRO A 36 0.08 16.43 -20.69
C PRO A 36 -1.22 15.72 -20.28
N GLU A 37 -1.44 14.45 -20.68
CA GLU A 37 -2.71 13.78 -20.32
C GLU A 37 -2.85 13.66 -18.78
N LEU A 38 -1.72 13.51 -18.10
CA LEU A 38 -1.74 13.35 -16.68
C LEU A 38 -2.00 14.69 -15.97
N LEU A 39 -1.22 15.70 -16.37
CA LEU A 39 -1.33 17.03 -15.78
C LEU A 39 -2.70 17.63 -16.03
N GLU A 40 -3.24 17.42 -17.24
CA GLU A 40 -4.58 17.93 -17.62
C GLU A 40 -5.70 17.22 -16.83
N LEU A 41 -5.58 15.92 -16.64
CA LEU A 41 -6.45 15.22 -15.71
C LEU A 41 -6.41 15.87 -14.32
N ALA A 42 -5.20 15.99 -13.76
CA ALA A 42 -5.00 16.46 -12.37
C ALA A 42 -5.54 17.87 -12.22
N ALA A 43 -5.30 18.72 -13.23
CA ALA A 43 -5.83 20.08 -13.21
C ALA A 43 -7.37 20.13 -13.23
N GLU A 44 -8.00 19.30 -14.05
CA GLU A 44 -9.45 19.29 -14.10
C GLU A 44 -10.03 18.83 -12.76
N VAL A 45 -9.38 17.86 -12.12
CA VAL A 45 -9.83 17.36 -10.84
C VAL A 45 -9.76 18.50 -9.81
N GLY A 46 -8.62 19.19 -9.78
CA GLY A 46 -8.39 20.28 -8.85
C GLY A 46 -9.38 21.41 -9.04
N SER A 47 -9.58 21.86 -10.28
CA SER A 47 -10.59 22.89 -10.60
C SER A 47 -11.97 22.51 -10.15
N SER A 48 -12.38 21.28 -10.48
CA SER A 48 -13.72 20.84 -10.23
C SER A 48 -13.99 20.68 -8.73
N ILE A 49 -13.00 20.18 -7.98
CA ILE A 49 -13.12 20.15 -6.52
C ILE A 49 -13.35 21.57 -5.95
N ALA A 50 -12.48 22.50 -6.32
CA ALA A 50 -12.62 23.92 -5.95
C ALA A 50 -13.98 24.50 -6.36
N ALA A 51 -14.44 24.19 -7.58
CA ALA A 51 -15.69 24.78 -8.07
C ALA A 51 -16.93 24.29 -7.31
N ARG A 52 -16.82 23.11 -6.71
CA ARG A 52 -17.89 22.58 -5.87
C ARG A 52 -17.85 23.15 -4.44
N GLY A 53 -16.85 23.98 -4.12
CA GLY A 53 -16.75 24.56 -2.78
C GLY A 53 -16.09 23.59 -1.81
N TRP A 54 -15.38 22.59 -2.35
CA TRP A 54 -14.73 21.57 -1.55
C TRP A 54 -13.25 21.87 -1.33
N THR A 55 -12.71 21.36 -0.22
CA THR A 55 -11.30 21.50 0.07
C THR A 55 -10.57 20.40 -0.68
N LEU A 56 -9.44 20.71 -1.31
CA LEU A 56 -8.55 19.68 -1.82
C LEU A 56 -7.55 19.31 -0.76
N VAL A 57 -7.47 18.02 -0.43
CA VAL A 57 -6.31 17.43 0.30
C VAL A 57 -5.40 16.64 -0.69
N SER A 58 -4.08 16.85 -0.64
CA SER A 58 -3.16 16.16 -1.54
C SER A 58 -1.80 16.02 -0.86
N GLY A 59 -0.85 15.37 -1.54
CA GLY A 59 0.50 15.12 -0.97
C GLY A 59 1.41 16.36 -0.77
N GLY A 60 0.92 17.53 -1.12
CA GLY A 60 1.64 18.76 -0.79
C GLY A 60 2.97 19.01 -1.51
N GLY A 61 3.08 18.52 -2.72
CA GLY A 61 4.31 18.65 -3.48
C GLY A 61 4.00 19.41 -4.75
N ASN A 62 4.96 20.17 -5.25
CA ASN A 62 4.78 20.92 -6.48
C ASN A 62 5.47 20.22 -7.65
N VAL A 63 5.24 18.93 -7.82
CA VAL A 63 5.81 18.19 -8.96
C VAL A 63 4.68 17.44 -9.64
N SER A 64 4.75 17.32 -10.97
CA SER A 64 3.93 16.33 -11.65
C SER A 64 2.43 16.56 -11.35
N ALA A 65 1.64 15.51 -11.24
CA ALA A 65 0.20 15.65 -10.98
C ALA A 65 -0.10 16.35 -9.65
N MET A 66 0.73 16.07 -8.63
CA MET A 66 0.52 16.69 -7.30
C MET A 66 0.57 18.24 -7.39
N GLY A 67 1.50 18.77 -8.19
CA GLY A 67 1.59 20.21 -8.44
C GLY A 67 0.36 20.70 -9.22
N ALA A 68 0.02 19.97 -10.28
CA ALA A 68 -1.08 20.35 -11.18
C ALA A 68 -2.43 20.42 -10.46
N VAL A 69 -2.71 19.46 -9.59
CA VAL A 69 -4.03 19.42 -8.94
C VAL A 69 -4.19 20.60 -7.96
N ALA A 70 -3.13 20.90 -7.22
CA ALA A 70 -3.23 21.96 -6.21
C ALA A 70 -3.22 23.34 -6.87
N GLN A 71 -2.34 23.54 -7.86
CA GLN A 71 -2.34 24.81 -8.63
C GLN A 71 -3.71 25.10 -9.22
N ALA A 72 -4.36 24.09 -9.78
CA ALA A 72 -5.65 24.29 -10.47
C ALA A 72 -6.79 24.59 -9.45
N ALA A 73 -6.80 23.89 -8.32
CA ALA A 73 -7.70 24.23 -7.20
C ALA A 73 -7.55 25.70 -6.79
N ARG A 74 -6.29 26.15 -6.63
CA ARG A 74 -6.03 27.54 -6.23
C ARG A 74 -6.45 28.57 -7.28
N ALA A 75 -6.29 28.23 -8.57
CA ALA A 75 -6.71 29.14 -9.64
C ALA A 75 -8.22 29.40 -9.63
N LYS A 76 -8.98 28.45 -9.08
CA LYS A 76 -10.41 28.62 -8.99
C LYS A 76 -10.84 29.13 -7.63
N GLY A 77 -9.90 29.51 -6.77
CA GLY A 77 -10.26 30.08 -5.47
C GLY A 77 -10.42 29.05 -4.35
N GLY A 78 -10.06 27.80 -4.64
CA GLY A 78 -10.27 26.71 -3.71
C GLY A 78 -9.26 26.67 -2.58
N HIS A 79 -9.69 26.17 -1.43
CA HIS A 79 -8.82 25.92 -0.27
C HIS A 79 -7.99 24.64 -0.51
N THR A 80 -6.67 24.72 -0.29
CA THR A 80 -5.78 23.58 -0.53
C THR A 80 -4.99 23.16 0.71
N VAL A 81 -5.03 21.88 1.02
CA VAL A 81 -4.28 21.35 2.15
C VAL A 81 -3.26 20.39 1.60
N GLY A 82 -1.98 20.69 1.88
CA GLY A 82 -0.88 19.85 1.38
C GLY A 82 -0.19 19.14 2.53
N VAL A 83 -0.12 17.80 2.47
CA VAL A 83 0.46 17.00 3.56
C VAL A 83 1.69 16.21 3.06
N ILE A 84 2.86 16.51 3.59
CA ILE A 84 4.11 16.01 3.03
C ILE A 84 5.04 15.64 4.21
N PRO A 85 5.73 14.49 4.14
CA PRO A 85 6.64 14.16 5.24
C PRO A 85 7.89 15.01 5.09
N LYS A 86 8.60 15.25 6.18
CA LYS A 86 9.72 16.14 6.14
C LYS A 86 10.84 15.62 5.23
N ALA A 87 10.98 14.30 5.12
CA ALA A 87 11.97 13.71 4.21
C ALA A 87 11.72 14.00 2.72
N LEU A 88 10.51 14.40 2.35
CA LEU A 88 10.23 14.63 0.93
C LEU A 88 10.14 16.12 0.60
N VAL A 89 10.39 16.97 1.59
CA VAL A 89 10.19 18.39 1.42
C VAL A 89 11.00 18.97 0.27
N HIS A 90 12.27 18.57 0.14
CA HIS A 90 13.11 19.10 -0.96
C HIS A 90 12.96 18.24 -2.24
N ARG A 91 12.68 16.97 -2.08
CA ARG A 91 12.53 16.07 -3.23
C ARG A 91 11.24 16.23 -4.00
N GLU A 92 10.12 16.33 -3.31
CA GLU A 92 8.85 16.55 -3.99
C GLU A 92 8.47 18.05 -3.99
N LEU A 93 9.37 18.90 -3.53
CA LEU A 93 9.20 20.37 -3.61
C LEU A 93 7.93 20.80 -2.88
N ALA A 94 7.99 20.79 -1.56
CA ALA A 94 6.89 21.14 -0.70
C ALA A 94 6.12 22.35 -1.27
N ASP A 95 4.79 22.19 -1.35
CA ASP A 95 3.90 23.24 -1.90
C ASP A 95 3.72 24.43 -0.93
N VAL A 96 4.60 25.42 -1.03
CA VAL A 96 4.58 26.60 -0.15
C VAL A 96 3.35 27.51 -0.41
N ASP A 97 2.64 27.24 -1.51
CA ASP A 97 1.42 27.98 -1.77
C ASP A 97 0.15 27.29 -1.23
N ALA A 98 0.24 26.06 -0.70
CA ALA A 98 -0.96 25.45 -0.09
C ALA A 98 -1.45 26.41 0.99
N ALA A 99 -2.78 26.53 1.14
CA ALA A 99 -3.33 27.36 2.23
C ALA A 99 -2.92 26.74 3.59
N GLU A 100 -2.90 25.42 3.66
CA GLU A 100 -2.37 24.74 4.83
C GLU A 100 -1.32 23.73 4.41
N LEU A 101 -0.06 23.97 4.77
CA LEU A 101 1.01 23.03 4.46
C LEU A 101 1.34 22.29 5.76
N ILE A 102 0.99 20.99 5.79
CA ILE A 102 1.19 20.14 6.98
C ILE A 102 2.43 19.29 6.69
N VAL A 103 3.51 19.52 7.44
CA VAL A 103 4.74 18.75 7.24
C VAL A 103 4.81 17.76 8.37
N THR A 104 4.82 16.46 8.05
CA THR A 104 4.79 15.44 9.09
C THR A 104 6.16 14.85 9.31
N ASP A 105 6.36 14.27 10.49
CA ASP A 105 7.56 13.58 10.78
C ASP A 105 7.82 12.33 9.95
N THR A 106 6.78 11.56 9.66
CA THR A 106 6.96 10.27 8.95
C THR A 106 5.97 10.16 7.80
N MET A 107 6.21 9.20 6.93
CA MET A 107 5.33 8.92 5.82
C MET A 107 3.98 8.34 6.29
N ARG A 108 4.02 7.47 7.30
CA ARG A 108 2.77 6.94 7.82
C ARG A 108 1.93 8.05 8.48
N GLU A 109 2.57 8.99 9.15
CA GLU A 109 1.86 10.11 9.74
C GLU A 109 1.27 10.99 8.62
N ARG A 110 1.98 11.10 7.49
CA ARG A 110 1.47 11.84 6.35
C ARG A 110 0.17 11.23 5.86
N LYS A 111 0.16 9.89 5.70
CA LYS A 111 -1.04 9.20 5.21
C LYS A 111 -2.19 9.32 6.25
N ARG A 112 -1.87 9.17 7.53
CA ARG A 112 -2.91 9.30 8.58
C ARG A 112 -3.58 10.71 8.51
N GLU A 113 -2.74 11.74 8.39
CA GLU A 113 -3.24 13.10 8.28
C GLU A 113 -4.12 13.26 7.09
N MET A 114 -3.71 12.71 5.93
CA MET A 114 -4.53 12.90 4.72
C MET A 114 -5.86 12.19 4.91
N GLU A 115 -5.83 11.00 5.50
CA GLU A 115 -7.07 10.29 5.79
C GLU A 115 -7.99 11.07 6.72
N HIS A 116 -7.47 11.53 7.87
CA HIS A 116 -8.25 12.21 8.93
CA HIS A 116 -8.33 12.14 8.88
C HIS A 116 -8.89 13.49 8.40
N ARG A 117 -8.16 14.19 7.52
CA ARG A 117 -8.66 15.46 6.93
C ARG A 117 -9.68 15.33 5.80
N SER A 118 -9.90 14.13 5.29
CA SER A 118 -10.67 13.99 4.05
C SER A 118 -11.94 13.18 4.25
N ASP A 119 -12.93 13.50 3.44
CA ASP A 119 -14.20 12.77 3.42
C ASP A 119 -14.31 11.70 2.33
N ALA A 120 -13.45 11.78 1.31
CA ALA A 120 -13.46 10.82 0.23
C ALA A 120 -12.08 10.81 -0.39
N PHE A 121 -11.80 9.80 -1.22
CA PHE A 121 -10.47 9.62 -1.78
C PHE A 121 -10.57 9.35 -3.26
N ILE A 122 -9.68 10.00 -4.02
CA ILE A 122 -9.52 9.75 -5.45
C ILE A 122 -8.06 9.42 -5.76
N ALA A 123 -7.86 8.30 -6.43
CA ALA A 123 -6.53 7.92 -6.91
C ALA A 123 -6.48 8.15 -8.41
N LEU A 124 -5.53 8.98 -8.82
CA LEU A 124 -5.22 9.19 -10.22
C LEU A 124 -4.07 8.27 -10.58
N PRO A 125 -3.72 8.20 -11.87
CA PRO A 125 -2.52 7.47 -12.29
C PRO A 125 -1.29 7.93 -11.51
N GLY A 126 -0.49 6.96 -11.09
CA GLY A 126 0.74 7.21 -10.34
C GLY A 126 1.59 5.94 -10.32
N GLY A 127 2.70 5.97 -9.58
CA GLY A 127 3.58 4.82 -9.50
C GLY A 127 3.50 4.17 -8.13
N ILE A 128 4.64 3.72 -7.61
CA ILE A 128 4.55 2.79 -6.47
C ILE A 128 4.06 3.48 -5.19
N GLY A 129 4.43 4.75 -5.02
CA GLY A 129 4.01 5.55 -3.86
C GLY A 129 2.50 5.80 -3.89
N THR A 130 1.96 6.09 -5.08
CA THR A 130 0.51 6.20 -5.23
C THR A 130 -0.19 4.87 -4.96
N LEU A 131 0.41 3.80 -5.43
CA LEU A 131 -0.20 2.51 -5.26
C LEU A 131 -0.22 2.13 -3.76
N GLU A 132 0.84 2.41 -3.02
CA GLU A 132 0.78 2.07 -1.60
C GLU A 132 -0.32 2.84 -0.84
N GLU A 133 -0.53 4.11 -1.20
CA GLU A 133 -1.60 4.94 -0.61
C GLU A 133 -2.96 4.35 -0.90
N PHE A 134 -3.16 4.01 -2.18
CA PHE A 134 -4.38 3.42 -2.71
C PHE A 134 -4.72 2.09 -2.02
N PHE A 135 -3.74 1.20 -1.95
CA PHE A 135 -4.02 -0.11 -1.34
C PHE A 135 -4.32 0.04 0.15
N GLU A 136 -3.62 0.95 0.81
CA GLU A 136 -3.88 1.23 2.22
C GLU A 136 -5.32 1.71 2.46
N ALA A 137 -5.74 2.70 1.66
CA ALA A 137 -7.11 3.27 1.77
C ALA A 137 -8.16 2.19 1.45
N TRP A 138 -7.88 1.37 0.45
CA TRP A 138 -8.79 0.32 0.03
C TRP A 138 -8.98 -0.73 1.15
N THR A 139 -7.86 -1.28 1.64
CA THR A 139 -7.92 -2.30 2.70
C THR A 139 -8.63 -1.77 3.94
N ALA A 140 -8.34 -0.53 4.31
CA ALA A 140 -8.97 0.10 5.47
C ALA A 140 -10.51 0.21 5.31
N GLY A 141 -10.93 0.64 4.13
CA GLY A 141 -12.36 0.75 3.82
C GLY A 141 -13.01 -0.62 3.88
N TYR A 142 -12.36 -1.60 3.28
CA TYR A 142 -12.92 -2.93 3.15
C TYR A 142 -13.08 -3.58 4.54
N LEU A 143 -12.12 -3.33 5.44
CA LEU A 143 -12.16 -3.88 6.80
C LEU A 143 -13.10 -3.13 7.75
N GLY A 144 -13.73 -2.07 7.22
CA GLY A 144 -14.69 -1.28 8.01
C GLY A 144 -14.02 -0.28 8.93
N MET A 145 -12.74 0.06 8.71
CA MET A 145 -12.06 1.02 9.58
CA MET A 145 -12.02 1.02 9.56
C MET A 145 -12.44 2.47 9.25
N HIS A 146 -12.91 2.70 8.03
CA HIS A 146 -13.59 3.95 7.68
C HIS A 146 -14.64 3.58 6.66
N ASP A 147 -15.58 4.49 6.40
CA ASP A 147 -16.63 4.26 5.42
C ASP A 147 -16.58 5.36 4.34
N LYS A 148 -15.39 5.85 4.01
CA LYS A 148 -15.24 6.91 3.02
C LYS A 148 -15.11 6.32 1.60
N PRO A 149 -15.74 6.96 0.59
CA PRO A 149 -15.65 6.48 -0.81
C PRO A 149 -14.21 6.41 -1.29
N LEU A 150 -13.85 5.36 -2.04
CA LEU A 150 -12.55 5.27 -2.73
C LEU A 150 -12.78 5.16 -4.24
N ILE A 151 -12.32 6.18 -4.98
CA ILE A 151 -12.54 6.26 -6.42
C ILE A 151 -11.20 6.08 -7.11
N LEU A 152 -11.17 5.21 -8.11
CA LEU A 152 -10.02 5.15 -9.01
C LEU A 152 -10.44 5.85 -10.32
N LEU A 153 -9.74 6.93 -10.66
CA LEU A 153 -10.13 7.75 -11.82
C LEU A 153 -9.06 7.62 -12.91
N ASP A 154 -9.44 7.06 -14.05
CA ASP A 154 -8.46 6.65 -15.05
C ASP A 154 -9.03 6.76 -16.48
N PRO A 155 -9.01 7.97 -17.07
CA PRO A 155 -9.48 8.14 -18.46
C PRO A 155 -8.57 7.59 -19.56
N PHE A 156 -7.30 7.31 -19.29
CA PHE A 156 -6.42 6.91 -20.37
C PHE A 156 -5.78 5.51 -20.22
N GLY A 157 -6.50 4.61 -19.54
CA GLY A 157 -6.13 3.20 -19.49
C GLY A 157 -4.88 2.82 -18.69
N HIS A 158 -4.46 3.71 -17.80
CA HIS A 158 -3.25 3.54 -16.98
C HIS A 158 -3.27 2.28 -16.12
N TYR A 159 -4.39 2.04 -15.45
CA TYR A 159 -4.54 0.93 -14.53
C TYR A 159 -5.27 -0.29 -15.15
N ASP A 160 -5.46 -0.30 -16.49
CA ASP A 160 -6.17 -1.46 -17.14
C ASP A 160 -5.57 -2.81 -16.73
N GLY A 161 -4.26 -2.93 -16.88
CA GLY A 161 -3.57 -4.19 -16.57
C GLY A 161 -3.66 -4.56 -15.09
N LEU A 162 -3.51 -3.57 -14.21
CA LEU A 162 -3.70 -3.80 -12.79
C LEU A 162 -5.10 -4.36 -12.48
N LEU A 163 -6.15 -3.71 -12.99
CA LEU A 163 -7.52 -4.14 -12.69
C LEU A 163 -7.85 -5.53 -13.23
N THR A 164 -7.44 -5.82 -14.45
CA THR A 164 -7.60 -7.18 -15.01
C THR A 164 -6.96 -8.20 -14.06
N TRP A 165 -5.74 -7.87 -13.61
CA TRP A 165 -5.02 -8.75 -12.70
C TRP A 165 -5.70 -8.88 -11.32
N LEU A 166 -6.12 -7.76 -10.72
CA LEU A 166 -6.90 -7.81 -9.46
C LEU A 166 -8.19 -8.67 -9.56
N ARG A 167 -8.89 -8.55 -10.69
CA ARG A 167 -10.11 -9.33 -10.94
C ARG A 167 -9.87 -10.82 -11.01
N GLY A 168 -8.72 -11.22 -11.55
CA GLY A 168 -8.32 -12.63 -11.58
C GLY A 168 -8.08 -13.19 -10.19
N LEU A 169 -7.87 -12.32 -9.21
CA LEU A 169 -7.74 -12.75 -7.80
C LEU A 169 -9.07 -13.10 -7.09
N VAL A 170 -10.20 -12.78 -7.72
CA VAL A 170 -11.51 -13.07 -7.11
C VAL A 170 -11.89 -14.58 -7.18
N PRO A 171 -11.87 -15.20 -8.38
CA PRO A 171 -12.23 -16.63 -8.39
C PRO A 171 -11.30 -17.47 -7.54
N THR A 172 -10.05 -17.04 -7.34
CA THR A 172 -9.14 -17.82 -6.51
C THR A 172 -9.18 -17.43 -5.02
N GLY A 173 -10.04 -16.47 -4.68
CA GLY A 173 -10.36 -16.18 -3.27
C GLY A 173 -9.38 -15.26 -2.53
N TYR A 174 -8.38 -14.74 -3.24
CA TYR A 174 -7.44 -13.82 -2.61
C TYR A 174 -8.05 -12.45 -2.43
N VAL A 175 -8.95 -12.07 -3.33
CA VAL A 175 -9.71 -10.83 -3.18
C VAL A 175 -11.21 -11.12 -3.30
N SER A 176 -12.00 -10.68 -2.32
CA SER A 176 -13.44 -10.93 -2.38
C SER A 176 -14.16 -10.06 -3.42
N GLN A 177 -15.30 -10.53 -3.90
CA GLN A 177 -16.14 -9.74 -4.77
C GLN A 177 -16.51 -8.44 -4.06
N ARG A 178 -16.81 -8.55 -2.76
CA ARG A 178 -17.16 -7.39 -1.96
C ARG A 178 -16.03 -6.32 -1.98
N ALA A 179 -14.78 -6.75 -1.77
CA ALA A 179 -13.61 -5.84 -1.94
C ALA A 179 -13.55 -5.18 -3.32
N MET A 180 -13.64 -5.96 -4.40
CA MET A 180 -13.71 -5.37 -5.75
C MET A 180 -14.85 -4.33 -5.90
N ASP A 181 -16.04 -4.68 -5.41
CA ASP A 181 -17.24 -3.85 -5.56
C ASP A 181 -17.20 -2.56 -4.73
N SER A 182 -16.36 -2.52 -3.72
CA SER A 182 -16.27 -1.32 -2.91
C SER A 182 -15.27 -0.29 -3.47
N LEU A 183 -14.77 -0.55 -4.68
CA LEU A 183 -13.85 0.34 -5.35
C LEU A 183 -14.69 0.97 -6.44
N VAL A 184 -14.67 2.30 -6.55
CA VAL A 184 -15.42 2.91 -7.65
C VAL A 184 -14.43 3.27 -8.76
N VAL A 185 -14.59 2.65 -9.93
CA VAL A 185 -13.70 2.86 -11.06
C VAL A 185 -14.43 3.63 -12.15
N VAL A 186 -13.94 4.82 -12.49
CA VAL A 186 -14.56 5.66 -13.50
C VAL A 186 -13.51 6.27 -14.44
N ASP A 187 -13.97 6.77 -15.58
CA ASP A 187 -13.09 7.29 -16.60
C ASP A 187 -13.22 8.81 -16.80
N ASN A 188 -13.99 9.48 -15.94
CA ASN A 188 -14.21 10.92 -16.10
C ASN A 188 -14.34 11.62 -14.76
N VAL A 189 -13.89 12.87 -14.71
CA VAL A 189 -13.87 13.66 -13.50
C VAL A 189 -15.29 13.80 -12.91
N GLU A 190 -16.29 14.08 -13.74
CA GLU A 190 -17.64 14.35 -13.22
C GLU A 190 -18.19 13.14 -12.43
N ALA A 191 -17.99 11.92 -12.95
CA ALA A 191 -18.42 10.71 -12.24
C ALA A 191 -17.62 10.46 -10.95
N ALA A 192 -16.34 10.82 -10.97
CA ALA A 192 -15.50 10.71 -9.79
C ALA A 192 -16.03 11.60 -8.64
N LEU A 193 -16.32 12.86 -8.95
CA LEU A 193 -16.85 13.78 -7.95
C LEU A 193 -18.28 13.45 -7.47
N GLU A 194 -19.15 12.95 -8.37
CA GLU A 194 -20.48 12.52 -7.91
CA GLU A 194 -20.49 12.47 -7.96
C GLU A 194 -20.32 11.42 -6.87
N ALA A 195 -19.39 10.49 -7.11
CA ALA A 195 -19.17 9.35 -6.19
C ALA A 195 -18.50 9.80 -4.89
N CYS A 196 -17.87 10.98 -4.89
CA CYS A 196 -17.28 11.55 -3.66
C CYS A 196 -18.25 12.44 -2.86
N ALA A 197 -19.34 12.91 -3.46
CA ALA A 197 -20.21 13.92 -2.86
C ALA A 197 -20.82 13.48 -1.55
N PRO A 198 -21.12 14.44 -0.64
CA PRO A 198 -21.83 14.08 0.58
C PRO A 198 -23.21 13.57 0.24
N GLU A 199 -23.60 12.43 0.83
CA GLU A 199 -24.96 11.89 0.67
C GLU A 199 -25.95 12.85 1.34
N ARG B 21 20.06 -8.52 18.68
CA ARG B 21 19.01 -9.59 18.65
C ARG B 21 19.12 -10.42 17.36
N GLN B 22 18.54 -11.62 17.40
CA GLN B 22 18.46 -12.53 16.26
C GLN B 22 17.99 -11.89 14.93
N TRP B 23 18.65 -12.25 13.83
CA TRP B 23 18.16 -11.87 12.50
C TRP B 23 16.66 -12.21 12.31
N ALA B 24 15.88 -11.24 11.85
CA ALA B 24 14.40 -11.36 11.77
C ALA B 24 13.90 -11.17 10.34
N VAL B 25 13.09 -12.09 9.87
CA VAL B 25 12.52 -11.96 8.54
C VAL B 25 11.00 -11.78 8.66
N CYS B 26 10.47 -10.72 8.04
CA CYS B 26 9.03 -10.43 8.04
C CYS B 26 8.40 -11.09 6.82
N VAL B 27 7.27 -11.75 7.01
CA VAL B 27 6.62 -12.42 5.89
C VAL B 27 5.22 -11.87 5.76
N TYR B 28 4.99 -11.12 4.68
CA TYR B 28 3.65 -10.66 4.35
C TYR B 28 2.97 -11.70 3.48
N CYS B 29 1.69 -12.02 3.73
CA CYS B 29 1.09 -13.12 2.97
C CYS B 29 -0.41 -13.19 3.19
N ALA B 30 -1.07 -14.06 2.42
CA ALA B 30 -2.54 -14.11 2.37
C ALA B 30 -3.20 -14.31 3.72
N SER B 31 -4.35 -13.67 3.91
CA SER B 31 -5.16 -13.93 5.11
C SER B 31 -6.50 -14.62 4.79
N GLY B 32 -6.72 -14.97 3.52
CA GLY B 32 -8.00 -15.55 3.14
C GLY B 32 -7.97 -17.03 2.77
N PRO B 33 -7.47 -17.35 1.55
CA PRO B 33 -7.65 -18.70 0.99
C PRO B 33 -6.87 -19.81 1.66
N THR B 34 -7.27 -21.05 1.40
CA THR B 34 -6.69 -22.20 2.05
C THR B 34 -6.14 -23.23 1.04
N HIS B 35 -5.87 -22.78 -0.20
CA HIS B 35 -5.30 -23.64 -1.24
C HIS B 35 -4.08 -24.40 -0.71
N PRO B 36 -4.05 -25.74 -0.91
CA PRO B 36 -2.88 -26.49 -0.44
C PRO B 36 -1.54 -25.90 -0.94
N GLU B 37 -1.47 -25.49 -2.20
CA GLU B 37 -0.25 -24.92 -2.75
C GLU B 37 0.18 -23.66 -1.95
N LEU B 38 -0.78 -22.86 -1.52
CA LEU B 38 -0.46 -21.64 -0.77
C LEU B 38 0.03 -21.98 0.64
N LEU B 39 -0.73 -22.85 1.31
CA LEU B 39 -0.43 -23.20 2.70
C LEU B 39 0.91 -23.95 2.79
N GLU B 40 1.17 -24.84 1.83
CA GLU B 40 2.43 -25.59 1.79
C GLU B 40 3.64 -24.67 1.64
N LEU B 41 3.50 -23.65 0.79
CA LEU B 41 4.58 -22.71 0.56
C LEU B 41 4.86 -21.92 1.85
N ALA B 42 3.80 -21.44 2.47
CA ALA B 42 3.93 -20.61 3.67
C ALA B 42 4.50 -21.47 4.80
N ALA B 43 4.07 -22.73 4.89
CA ALA B 43 4.66 -23.62 5.92
C ALA B 43 6.17 -23.85 5.68
N GLU B 44 6.56 -24.03 4.41
CA GLU B 44 7.96 -24.33 4.09
C GLU B 44 8.82 -23.09 4.45
N VAL B 45 8.30 -21.89 4.16
CA VAL B 45 8.95 -20.65 4.51
C VAL B 45 9.15 -20.54 6.04
N GLY B 46 8.07 -20.79 6.79
CA GLY B 46 8.17 -20.71 8.27
C GLY B 46 9.16 -21.75 8.82
N SER B 47 9.08 -22.98 8.32
CA SER B 47 10.00 -24.03 8.77
C SER B 47 11.45 -23.65 8.45
N SER B 48 11.66 -23.07 7.26
CA SER B 48 13.03 -22.81 6.81
C SER B 48 13.59 -21.60 7.54
N ILE B 49 12.74 -20.63 7.85
CA ILE B 49 13.18 -19.49 8.68
C ILE B 49 13.66 -19.96 10.07
N ALA B 50 12.85 -20.78 10.74
CA ALA B 50 13.22 -21.36 12.03
C ALA B 50 14.49 -22.24 11.89
N ALA B 51 14.58 -23.02 10.81
CA ALA B 51 15.73 -23.91 10.60
C ALA B 51 17.07 -23.15 10.55
N ARG B 52 17.05 -21.89 10.12
CA ARG B 52 18.27 -21.08 10.07
C ARG B 52 18.60 -20.42 11.39
N GLY B 53 17.70 -20.55 12.37
CA GLY B 53 17.87 -19.89 13.64
C GLY B 53 17.46 -18.43 13.55
N TRP B 54 16.56 -18.09 12.62
CA TRP B 54 16.07 -16.72 12.49
C TRP B 54 14.71 -16.56 13.13
N THR B 55 14.35 -15.31 13.45
CA THR B 55 13.04 -14.93 13.96
C THR B 55 12.08 -14.70 12.79
N LEU B 56 10.83 -15.14 12.94
CA LEU B 56 9.78 -14.78 12.04
C LEU B 56 8.96 -13.63 12.62
N VAL B 57 8.76 -12.63 11.81
CA VAL B 57 7.82 -11.55 12.10
C VAL B 57 6.67 -11.69 11.09
N SER B 58 5.45 -11.51 11.56
CA SER B 58 4.31 -11.51 10.66
C SER B 58 3.12 -10.78 11.30
N GLY B 59 2.00 -10.73 10.58
CA GLY B 59 0.81 -10.01 11.04
C GLY B 59 0.06 -10.70 12.18
N GLY B 60 0.61 -11.78 12.72
CA GLY B 60 0.14 -12.30 14.04
C GLY B 60 -1.27 -12.88 14.06
N GLY B 61 -1.65 -13.56 12.97
CA GLY B 61 -3.00 -14.13 12.85
C GLY B 61 -2.92 -15.58 12.40
N ASN B 62 -3.87 -16.41 12.83
CA ASN B 62 -3.82 -17.83 12.56
C ASN B 62 -4.83 -18.15 11.49
N VAL B 63 -4.77 -17.43 10.36
CA VAL B 63 -5.65 -17.64 9.21
C VAL B 63 -4.79 -17.76 7.99
N SER B 64 -5.20 -18.65 7.10
CA SER B 64 -4.61 -18.74 5.76
C SER B 64 -3.07 -18.90 5.84
N ALA B 65 -2.37 -18.27 4.92
CA ALA B 65 -0.88 -18.35 4.86
C ALA B 65 -0.24 -17.76 6.11
N MET B 66 -0.83 -16.69 6.64
CA MET B 66 -0.36 -16.06 7.88
CA MET B 66 -0.33 -16.06 7.86
C MET B 66 -0.27 -17.07 9.02
N GLY B 67 -1.30 -17.89 9.16
CA GLY B 67 -1.27 -18.88 10.24
C GLY B 67 -0.30 -20.00 9.92
N ALA B 68 -0.25 -20.41 8.66
CA ALA B 68 0.60 -21.54 8.27
C ALA B 68 2.08 -21.22 8.49
N VAL B 69 2.51 -19.99 8.15
CA VAL B 69 3.95 -19.64 8.28
C VAL B 69 4.38 -19.59 9.77
N ALA B 70 3.51 -19.01 10.61
CA ALA B 70 3.84 -18.84 12.03
C ALA B 70 3.76 -20.16 12.74
N GLN B 71 2.79 -21.01 12.39
CA GLN B 71 2.71 -22.35 13.02
C GLN B 71 3.96 -23.18 12.66
N ALA B 72 4.38 -23.15 11.39
CA ALA B 72 5.56 -23.95 10.97
C ALA B 72 6.84 -23.48 11.68
N ALA B 73 7.06 -22.16 11.76
CA ALA B 73 8.23 -21.60 12.45
C ALA B 73 8.25 -22.03 13.91
N ARG B 74 7.11 -21.86 14.58
CA ARG B 74 7.01 -22.19 16.00
C ARG B 74 7.13 -23.69 16.26
N ALA B 75 6.65 -24.49 15.33
CA ALA B 75 6.71 -25.96 15.45
C ALA B 75 8.16 -26.51 15.54
N LYS B 76 9.08 -25.81 14.92
CA LYS B 76 10.51 -26.15 14.92
C LYS B 76 11.25 -25.35 16.01
N GLY B 77 10.49 -24.83 16.98
CA GLY B 77 11.06 -24.05 18.09
C GLY B 77 11.57 -22.67 17.68
N GLY B 78 11.16 -22.18 16.51
CA GLY B 78 11.57 -20.83 16.09
C GLY B 78 10.85 -19.74 16.88
N HIS B 79 11.55 -18.65 17.12
CA HIS B 79 11.00 -17.48 17.75
C HIS B 79 10.00 -16.82 16.78
N THR B 80 8.77 -16.58 17.24
CA THR B 80 7.79 -15.94 16.36
C THR B 80 7.26 -14.65 16.97
N VAL B 81 7.17 -13.61 16.16
CA VAL B 81 6.69 -12.31 16.60
C VAL B 81 5.47 -11.95 15.74
N GLY B 82 4.31 -11.71 16.37
CA GLY B 82 3.08 -11.40 15.64
C GLY B 82 2.69 -9.98 15.97
N VAL B 83 2.25 -9.22 14.96
CA VAL B 83 1.82 -7.83 15.19
C VAL B 83 0.44 -7.63 14.60
N ILE B 84 -0.55 -7.28 15.42
CA ILE B 84 -1.92 -7.25 14.94
C ILE B 84 -2.71 -6.08 15.55
N PRO B 85 -3.51 -5.36 14.73
CA PRO B 85 -4.37 -4.32 15.34
C PRO B 85 -5.51 -4.92 16.18
N LYS B 86 -5.90 -4.19 17.22
CA LYS B 86 -6.95 -4.64 18.11
C LYS B 86 -8.23 -5.05 17.35
N ALA B 87 -8.57 -4.33 16.28
CA ALA B 87 -9.80 -4.60 15.51
C ALA B 87 -9.75 -5.88 14.66
N LEU B 88 -8.57 -6.49 14.48
CA LEU B 88 -8.43 -7.75 13.72
C LEU B 88 -8.17 -8.96 14.60
N VAL B 89 -7.97 -8.70 15.89
CA VAL B 89 -7.68 -9.82 16.82
C VAL B 89 -8.68 -10.99 16.64
N HIS B 90 -9.97 -10.67 16.56
CA HIS B 90 -10.99 -11.72 16.45
C HIS B 90 -11.04 -12.32 15.05
N ARG B 91 -11.29 -11.48 14.05
CA ARG B 91 -11.45 -11.98 12.70
C ARG B 91 -10.22 -12.66 12.10
N GLU B 92 -9.01 -12.22 12.43
CA GLU B 92 -7.82 -12.93 11.97
C GLU B 92 -7.27 -13.94 12.96
N LEU B 93 -8.02 -14.26 14.02
CA LEU B 93 -7.63 -15.32 14.99
C LEU B 93 -6.20 -15.06 15.51
N ALA B 94 -6.04 -13.94 16.21
CA ALA B 94 -4.78 -13.50 16.78
C ALA B 94 -3.98 -14.69 17.28
N ASP B 95 -2.71 -14.72 16.85
CA ASP B 95 -1.80 -15.84 17.17
C ASP B 95 -1.25 -15.73 18.61
N VAL B 96 -2.09 -16.10 19.59
CA VAL B 96 -1.69 -15.93 21.01
C VAL B 96 -0.58 -16.90 21.40
N ASP B 97 -0.31 -17.91 20.59
CA ASP B 97 0.79 -18.84 20.85
C ASP B 97 2.16 -18.30 20.43
N ALA B 98 2.17 -17.16 19.73
CA ALA B 98 3.42 -16.50 19.37
C ALA B 98 4.32 -16.24 20.61
N ALA B 99 5.64 -16.30 20.42
CA ALA B 99 6.57 -15.91 21.49
C ALA B 99 6.34 -14.46 21.92
N GLU B 100 6.17 -13.55 20.95
CA GLU B 100 5.74 -12.18 21.25
C GLU B 100 4.55 -11.78 20.38
N LEU B 101 3.54 -11.17 20.98
CA LEU B 101 2.37 -10.71 20.21
C LEU B 101 2.12 -9.25 20.55
N ILE B 102 2.23 -8.37 19.56
CA ILE B 102 2.06 -6.95 19.75
C ILE B 102 0.68 -6.57 19.24
N VAL B 103 -0.15 -5.99 20.11
CA VAL B 103 -1.46 -5.55 19.68
C VAL B 103 -1.46 -4.05 19.56
N THR B 104 -1.62 -3.53 18.36
CA THR B 104 -1.51 -2.10 18.11
C THR B 104 -2.89 -1.50 18.08
N ASP B 105 -2.97 -0.18 18.03
CA ASP B 105 -4.26 0.49 17.88
C ASP B 105 -4.69 0.53 16.41
N THR B 106 -3.73 0.73 15.49
CA THR B 106 -4.04 0.94 14.08
C THR B 106 -3.23 0.03 13.13
N MET B 107 -3.68 0.00 11.89
CA MET B 107 -3.02 -0.73 10.79
C MET B 107 -1.65 -0.12 10.51
N ARG B 108 -1.58 1.21 10.55
CA ARG B 108 -0.29 1.91 10.31
C ARG B 108 0.72 1.60 11.42
N GLU B 109 0.30 1.64 12.68
CA GLU B 109 1.17 1.20 13.78
C GLU B 109 1.61 -0.27 13.60
N ARG B 110 0.68 -1.13 13.17
CA ARG B 110 0.98 -2.54 12.86
C ARG B 110 2.14 -2.66 11.87
N LYS B 111 2.01 -1.95 10.75
CA LYS B 111 3.03 -2.01 9.71
C LYS B 111 4.33 -1.38 10.19
N ARG B 112 4.23 -0.30 10.98
CA ARG B 112 5.45 0.33 11.55
C ARG B 112 6.22 -0.67 12.45
N GLU B 113 5.50 -1.35 13.35
CA GLU B 113 6.09 -2.35 14.27
C GLU B 113 6.74 -3.52 13.51
N MET B 114 6.05 -4.04 12.52
CA MET B 114 6.58 -5.12 11.67
C MET B 114 7.86 -4.68 10.99
N GLU B 115 7.86 -3.47 10.45
CA GLU B 115 9.08 -2.92 9.80
C GLU B 115 10.26 -2.76 10.79
N HIS B 116 10.01 -2.15 11.95
CA HIS B 116 11.10 -1.85 12.86
CA HIS B 116 11.06 -1.85 12.94
C HIS B 116 11.65 -3.14 13.50
N ARG B 117 10.82 -4.17 13.65
CA ARG B 117 11.33 -5.44 14.20
C ARG B 117 12.08 -6.37 13.22
N SER B 118 12.13 -6.01 11.94
CA SER B 118 12.57 -6.94 10.89
C SER B 118 13.83 -6.46 10.17
N ASP B 119 14.64 -7.42 9.70
CA ASP B 119 15.85 -7.14 8.89
C ASP B 119 15.67 -7.30 7.39
N ALA B 120 14.61 -8.00 7.00
CA ALA B 120 14.35 -8.31 5.59
C ALA B 120 12.88 -8.63 5.44
N PHE B 121 12.35 -8.48 4.22
CA PHE B 121 10.94 -8.71 3.95
C PHE B 121 10.71 -9.69 2.81
N ILE B 122 9.81 -10.65 3.05
CA ILE B 122 9.30 -11.54 1.99
C ILE B 122 7.80 -11.34 1.81
N ALA B 123 7.37 -11.09 0.57
CA ALA B 123 5.96 -11.13 0.29
C ALA B 123 5.63 -12.42 -0.48
N LEU B 124 4.65 -13.17 0.04
CA LEU B 124 4.11 -14.35 -0.62
C LEU B 124 2.83 -13.93 -1.34
N PRO B 125 2.23 -14.85 -2.11
CA PRO B 125 0.92 -14.52 -2.69
C PRO B 125 -0.09 -14.06 -1.63
N GLY B 126 -0.85 -13.01 -1.97
CA GLY B 126 -1.87 -12.50 -1.09
C GLY B 126 -2.79 -11.58 -1.87
N GLY B 127 -3.66 -10.86 -1.16
CA GLY B 127 -4.64 -9.96 -1.78
C GLY B 127 -4.33 -8.51 -1.46
N ILE B 128 -5.36 -7.70 -1.24
CA ILE B 128 -5.12 -6.24 -1.15
C ILE B 128 -4.33 -5.88 0.08
N GLY B 129 -4.54 -6.63 1.17
CA GLY B 129 -3.80 -6.37 2.40
C GLY B 129 -2.31 -6.67 2.26
N THR B 130 -1.98 -7.77 1.57
CA THR B 130 -0.56 -8.07 1.26
C THR B 130 0.08 -7.02 0.34
N LEU B 131 -0.68 -6.62 -0.69
CA LEU B 131 -0.20 -5.59 -1.62
C LEU B 131 0.02 -4.25 -0.89
N GLU B 132 -0.90 -3.87 0.00
CA GLU B 132 -0.71 -2.68 0.86
C GLU B 132 0.65 -2.72 1.57
N GLU B 133 0.91 -3.86 2.22
CA GLU B 133 2.16 -4.07 2.97
C GLU B 133 3.39 -3.98 2.08
N PHE B 134 3.35 -4.72 0.98
CA PHE B 134 4.43 -4.85 0.03
C PHE B 134 4.76 -3.52 -0.63
N PHE B 135 3.72 -2.81 -1.08
CA PHE B 135 4.00 -1.55 -1.78
C PHE B 135 4.55 -0.50 -0.82
N GLU B 136 4.09 -0.52 0.44
CA GLU B 136 4.65 0.40 1.43
C GLU B 136 6.14 0.09 1.67
N ALA B 137 6.48 -1.19 1.83
CA ALA B 137 7.88 -1.56 2.12
C ALA B 137 8.76 -1.20 0.92
N TRP B 138 8.24 -1.44 -0.29
CA TRP B 138 8.95 -1.11 -1.54
C TRP B 138 9.22 0.38 -1.63
N THR B 139 8.17 1.19 -1.45
CA THR B 139 8.27 2.65 -1.50
C THR B 139 9.30 3.16 -0.52
N ALA B 140 9.21 2.68 0.72
CA ALA B 140 10.12 3.16 1.79
C ALA B 140 11.58 2.86 1.47
N GLY B 141 11.85 1.67 0.92
CA GLY B 141 13.23 1.29 0.55
C GLY B 141 13.73 2.14 -0.62
N TYR B 142 12.87 2.31 -1.61
CA TYR B 142 13.22 3.08 -2.79
C TYR B 142 13.55 4.54 -2.43
N LEU B 143 12.81 5.12 -1.51
CA LEU B 143 13.04 6.50 -1.05
C LEU B 143 14.19 6.63 -0.05
N GLY B 144 14.81 5.50 0.33
CA GLY B 144 16.00 5.53 1.18
C GLY B 144 15.71 5.53 2.69
N MET B 145 14.46 5.28 3.09
CA MET B 145 14.11 5.23 4.52
CA MET B 145 14.08 5.18 4.51
C MET B 145 14.65 3.95 5.22
N HIS B 146 15.02 2.93 4.45
CA HIS B 146 15.72 1.73 4.99
C HIS B 146 16.46 1.07 3.85
N ASP B 147 17.41 0.20 4.18
CA ASP B 147 18.11 -0.57 3.17
C ASP B 147 17.90 -2.08 3.35
N LYS B 148 16.72 -2.46 3.83
CA LYS B 148 16.34 -3.86 4.04
C LYS B 148 15.86 -4.56 2.76
N PRO B 149 16.31 -5.81 2.54
CA PRO B 149 15.91 -6.51 1.33
C PRO B 149 14.40 -6.75 1.26
N LEU B 150 13.85 -6.68 0.04
CA LEU B 150 12.43 -6.96 -0.24
C LEU B 150 12.29 -8.04 -1.33
N ILE B 151 11.70 -9.16 -0.96
CA ILE B 151 11.65 -10.32 -1.82
C ILE B 151 10.19 -10.64 -2.11
N LEU B 152 9.90 -10.93 -3.36
CA LEU B 152 8.61 -11.39 -3.79
C LEU B 152 8.83 -12.86 -4.15
N LEU B 153 8.19 -13.76 -3.41
CA LEU B 153 8.41 -15.19 -3.55
C LEU B 153 7.13 -15.81 -4.10
N ASP B 154 7.22 -16.33 -5.32
CA ASP B 154 6.05 -16.64 -6.12
C ASP B 154 6.33 -17.85 -7.03
N PRO B 155 6.14 -19.06 -6.49
CA PRO B 155 6.39 -20.24 -7.30
C PRO B 155 5.25 -20.58 -8.27
N PHE B 156 4.09 -19.94 -8.18
CA PHE B 156 3.03 -20.31 -9.11
C PHE B 156 2.46 -19.18 -9.96
N GLY B 157 3.29 -18.20 -10.33
CA GLY B 157 2.85 -17.10 -11.19
C GLY B 157 1.69 -16.26 -10.65
N HIS B 158 1.50 -16.24 -9.32
CA HIS B 158 0.48 -15.42 -8.69
C HIS B 158 0.52 -13.95 -9.12
N TYR B 159 1.75 -13.41 -9.17
CA TYR B 159 1.99 -12.02 -9.45
C TYR B 159 2.46 -11.73 -10.89
N ASP B 160 2.43 -12.72 -11.79
CA ASP B 160 2.92 -12.52 -13.18
C ASP B 160 2.26 -11.30 -13.82
N GLY B 161 0.94 -11.17 -13.70
CA GLY B 161 0.22 -10.07 -14.30
C GLY B 161 0.57 -8.73 -13.66
N LEU B 162 0.76 -8.72 -12.35
CA LEU B 162 1.11 -7.48 -11.67
C LEU B 162 2.47 -7.01 -12.15
N LEU B 163 3.43 -7.92 -12.18
CA LEU B 163 4.82 -7.57 -12.64
C LEU B 163 4.88 -7.07 -14.07
N THR B 164 4.15 -7.71 -14.97
CA THR B 164 4.07 -7.30 -16.38
C THR B 164 3.53 -5.86 -16.45
N TRP B 165 2.47 -5.60 -15.70
CA TRP B 165 1.87 -4.25 -15.65
C TRP B 165 2.89 -3.23 -15.07
N LEU B 166 3.57 -3.59 -13.98
CA LEU B 166 4.56 -2.67 -13.36
C LEU B 166 5.71 -2.33 -14.32
N ARG B 167 6.17 -3.34 -15.06
CA ARG B 167 7.23 -3.12 -16.04
C ARG B 167 6.79 -2.16 -17.19
N GLY B 168 5.49 -2.16 -17.51
CA GLY B 168 4.93 -1.27 -18.51
C GLY B 168 4.91 0.17 -18.02
N LEU B 169 5.09 0.38 -16.71
CA LEU B 169 5.20 1.74 -16.16
C LEU B 169 6.60 2.37 -16.27
N VAL B 170 7.57 1.57 -16.71
CA VAL B 170 8.96 2.05 -16.76
C VAL B 170 9.25 2.95 -17.96
N PRO B 171 8.89 2.53 -19.21
CA PRO B 171 9.22 3.40 -20.36
C PRO B 171 8.59 4.79 -20.30
N THR B 172 7.43 4.89 -19.65
CA THR B 172 6.72 6.18 -19.50
C THR B 172 7.12 6.94 -18.21
N GLY B 173 8.00 6.38 -17.38
CA GLY B 173 8.53 7.12 -16.22
C GLY B 173 7.68 7.17 -14.93
N TYR B 174 6.63 6.35 -14.83
CA TYR B 174 5.88 6.25 -13.59
C TYR B 174 6.64 5.49 -12.54
N VAL B 175 7.42 4.49 -12.96
CA VAL B 175 8.22 3.64 -12.09
C VAL B 175 9.63 3.57 -12.72
N SER B 176 10.68 3.80 -11.92
CA SER B 176 12.03 3.82 -12.48
C SER B 176 12.56 2.41 -12.63
N GLN B 177 13.58 2.23 -13.48
CA GLN B 177 14.22 0.93 -13.60
C GLN B 177 14.87 0.56 -12.28
N ARG B 178 15.35 1.59 -11.58
CA ARG B 178 15.94 1.43 -10.26
C ARG B 178 14.95 0.82 -9.24
N ALA B 179 13.73 1.38 -9.19
CA ALA B 179 12.67 0.77 -8.40
C ALA B 179 12.41 -0.69 -8.78
N MET B 180 12.25 -1.00 -10.06
CA MET B 180 12.01 -2.40 -10.45
C MET B 180 13.15 -3.32 -10.01
N ASP B 181 14.38 -2.86 -10.25
CA ASP B 181 15.58 -3.64 -9.93
C ASP B 181 15.73 -3.85 -8.42
N SER B 182 15.16 -2.96 -7.60
CA SER B 182 15.13 -3.11 -6.12
C SER B 182 14.51 -4.42 -5.67
N LEU B 183 13.43 -4.82 -6.34
CA LEU B 183 12.64 -6.00 -6.00
C LEU B 183 13.44 -7.25 -6.33
N VAL B 184 13.50 -8.21 -5.41
CA VAL B 184 14.09 -9.49 -5.71
C VAL B 184 12.94 -10.46 -5.91
N VAL B 185 12.75 -10.91 -7.15
CA VAL B 185 11.67 -11.81 -7.48
C VAL B 185 12.26 -13.19 -7.64
N VAL B 186 11.78 -14.15 -6.85
CA VAL B 186 12.26 -15.54 -6.94
C VAL B 186 11.09 -16.51 -6.94
N ASP B 187 11.34 -17.73 -7.39
CA ASP B 187 10.30 -18.75 -7.46
C ASP B 187 10.51 -19.91 -6.47
N ASN B 188 11.48 -19.79 -5.57
CA ASN B 188 11.72 -20.87 -4.58
C ASN B 188 12.17 -20.36 -3.22
N VAL B 189 11.84 -21.10 -2.17
CA VAL B 189 12.12 -20.67 -0.78
C VAL B 189 13.61 -20.41 -0.49
N GLU B 190 14.46 -21.30 -0.98
CA GLU B 190 15.89 -21.20 -0.74
C GLU B 190 16.46 -19.90 -1.34
N ALA B 191 16.14 -19.60 -2.60
CA ALA B 191 16.61 -18.35 -3.14
C ALA B 191 16.03 -17.15 -2.32
N ALA B 192 14.76 -17.19 -1.91
CA ALA B 192 14.20 -16.11 -1.09
C ALA B 192 15.04 -15.88 0.20
N LEU B 193 15.33 -16.96 0.94
CA LEU B 193 16.07 -16.83 2.21
C LEU B 193 17.54 -16.42 2.03
N GLU B 194 18.18 -16.92 0.96
CA GLU B 194 19.52 -16.45 0.59
C GLU B 194 19.54 -14.93 0.39
N ALA B 195 18.51 -14.40 -0.26
CA ALA B 195 18.45 -12.96 -0.53
C ALA B 195 18.09 -12.16 0.73
N CYS B 196 17.52 -12.82 1.73
CA CYS B 196 17.25 -12.16 3.02
C CYS B 196 18.38 -12.28 4.02
N ALA B 197 19.38 -13.11 3.71
CA ALA B 197 20.43 -13.46 4.67
C ALA B 197 21.31 -12.26 5.03
N PRO B 198 21.82 -12.21 6.28
CA PRO B 198 22.73 -11.12 6.65
C PRO B 198 24.00 -11.13 5.80
N GLU B 199 24.43 -9.94 5.37
CA GLU B 199 25.67 -9.80 4.59
C GLU B 199 26.83 -10.26 5.48
#